data_6HVJ
#
_entry.id   6HVJ
#
_cell.length_a   103.129
_cell.length_b   103.129
_cell.length_c   254.438
_cell.angle_alpha   90.000
_cell.angle_beta   90.000
_cell.angle_gamma   120.000
#
_symmetry.space_group_name_H-M   'P 65 2 2'
#
loop_
_entity.id
_entity.type
_entity.pdbx_description
1 polymer '6-phosphofructo-2-kinase/fructose-2,6-bisphosphatase 3'
2 non-polymer 8-(3-methyl-1-benzofuran-5-yl)-~{N}-(4-methylsulfonylpyridin-3-yl)quinoxalin-6-amine
3 non-polymer 6-O-phosphono-beta-D-fructofuranose
4 non-polymer 'PHOSPHATE ION'
5 non-polymer 'CITRATE ANION'
6 water water
#
_entity_poly.entity_id   1
_entity_poly.type   'polypeptide(L)'
_entity_poly.pdbx_seq_one_letter_code
;MPLELTQSRVQKIWVPVDHRPSLPRSCGPKLTNSPTVIVMVGLPARGKTYISKKLTRYLNWIGVPTKVFNVGEYRREAVK
QYSSYNFFRPDNEEAMKVRKQCALAALRDVKSYLAKEGGQIAVFDATNTTRERRHMILHFAKENDFKAFFIESVCDDPTV
VASNIMEVKISSPDYKDCNSAEAMDDFMKRISCYEASYQPLDPDKCDRDLSLIKVIDVGRRFLVNRVQDHIQSRIVYYLM
NIHVQPRTIYLCRHGENEHNLQGRIGGDSGLSSRGKKFASALSKFVEEQNLKDLRVWTSQLKSTIQTAEALRLPYEQWKA
LNEIDAGVCEELTYEEIRDTYPEEYALREQDKYYYRYPTGESYQDLVQRLEPVIMELERQENVLVICHQAVLRCLLAYFL
DKSAEEMPYLKCPLHTVLKLTPVAYGCRVESIYLNVESVCTHRERSEDAKKGPNPLMRRNSVTPLASPEPTKKPRINSFE
EHVASTSAALPSCLPPEVPTQLPGQNMKGSRSSADSSRKH
;
_entity_poly.pdbx_strand_id   A
#
# COMPACT_ATOMS: atom_id res chain seq x y z
N GLU A 4 -31.12 -3.80 25.35
CA GLU A 4 -30.49 -2.90 26.35
C GLU A 4 -29.00 -2.61 26.01
N LEU A 5 -28.73 -1.37 25.57
CA LEU A 5 -27.49 -1.02 24.85
C LEU A 5 -26.73 0.18 25.38
N THR A 6 -25.41 0.12 25.25
CA THR A 6 -24.55 1.28 25.55
C THR A 6 -23.55 1.65 24.40
N GLN A 7 -23.33 2.93 24.20
CA GLN A 7 -22.44 3.41 23.15
C GLN A 7 -20.97 3.52 23.60
N SER A 8 -20.07 2.76 23.00
CA SER A 8 -18.66 2.81 23.34
C SER A 8 -18.07 4.24 23.25
N ARG A 9 -17.14 4.54 24.14
CA ARG A 9 -16.62 5.92 24.27
C ARG A 9 -15.81 6.41 23.01
N VAL A 10 -14.95 5.55 22.43
CA VAL A 10 -14.05 5.98 21.34
C VAL A 10 -14.75 5.97 19.97
N GLN A 11 -15.14 4.77 19.54
CA GLN A 11 -15.73 4.54 18.22
C GLN A 11 -17.26 4.80 18.12
N LYS A 12 -17.91 5.08 19.24
CA LYS A 12 -19.34 5.43 19.25
C LYS A 12 -20.20 4.26 18.74
N ILE A 13 -19.77 3.04 19.04
CA ILE A 13 -20.45 1.80 18.62
C ILE A 13 -21.41 1.29 19.71
N TRP A 14 -22.66 1.04 19.32
CA TRP A 14 -23.64 0.52 20.26
C TRP A 14 -23.39 -0.97 20.53
N VAL A 15 -23.09 -1.30 21.78
CA VAL A 15 -22.86 -2.69 22.19
C VAL A 15 -23.84 -3.08 23.30
N PRO A 16 -24.17 -4.38 23.37
CA PRO A 16 -25.06 -4.88 24.43
C PRO A 16 -24.38 -4.80 25.79
N VAL A 17 -25.04 -4.17 26.76
CA VAL A 17 -24.43 -3.86 28.08
C VAL A 17 -23.76 -5.04 28.79
N HIS A 19 -23.67 -7.11 32.09
CA HIS A 19 -24.43 -7.58 33.25
C HIS A 19 -24.29 -9.08 33.39
N ASN A 33 -13.79 -15.19 7.59
CA ASN A 33 -12.76 -14.74 8.52
C ASN A 33 -11.53 -15.67 8.51
N SER A 34 -11.73 -16.97 8.24
CA SER A 34 -10.63 -17.96 8.23
C SER A 34 -9.35 -17.49 7.49
N PRO A 35 -8.17 -17.57 8.13
CA PRO A 35 -6.95 -16.93 7.59
C PRO A 35 -6.48 -17.52 6.29
N THR A 36 -5.72 -16.75 5.53
CA THR A 36 -5.35 -17.22 4.21
C THR A 36 -3.85 -17.16 4.02
N VAL A 37 -3.29 -18.22 3.43
CA VAL A 37 -1.88 -18.16 3.01
C VAL A 37 -1.89 -17.92 1.51
N ILE A 38 -1.28 -16.82 1.11
CA ILE A 38 -1.08 -16.50 -0.30
C ILE A 38 0.27 -17.06 -0.74
N VAL A 39 0.28 -17.87 -1.77
CA VAL A 39 1.48 -18.56 -2.15
C VAL A 39 1.96 -18.01 -3.46
N MET A 40 3.08 -17.30 -3.45
CA MET A 40 3.61 -16.78 -4.70
C MET A 40 4.22 -17.92 -5.52
N VAL A 41 4.15 -17.84 -6.84
CA VAL A 41 4.67 -18.90 -7.65
C VAL A 41 5.35 -18.27 -8.84
N GLY A 42 6.57 -18.70 -9.12
CA GLY A 42 7.21 -18.32 -10.39
C GLY A 42 8.73 -18.35 -10.36
N LEU A 43 9.34 -18.33 -11.53
CA LEU A 43 10.79 -18.23 -11.68
C LEU A 43 11.30 -16.95 -11.04
N PRO A 44 12.61 -16.87 -10.77
CA PRO A 44 13.09 -15.62 -10.23
C PRO A 44 13.00 -14.48 -11.21
N ALA A 45 12.97 -13.26 -10.68
CA ALA A 45 12.79 -12.02 -11.45
C ALA A 45 11.50 -12.00 -12.28
N ARG A 46 10.39 -12.45 -11.71
CA ARG A 46 9.07 -12.36 -12.34
C ARG A 46 8.12 -11.44 -11.53
N GLY A 47 8.70 -10.59 -10.72
CA GLY A 47 7.96 -9.68 -9.90
C GLY A 47 7.18 -10.26 -8.73
N LYS A 48 7.53 -11.46 -8.25
CA LYS A 48 6.80 -12.02 -7.11
C LYS A 48 6.85 -11.12 -5.87
N THR A 49 8.03 -10.60 -5.58
CA THR A 49 8.25 -9.81 -4.38
C THR A 49 7.64 -8.41 -4.51
N TYR A 50 7.70 -7.83 -5.73
CA TYR A 50 7.04 -6.58 -6.04
C TYR A 50 5.55 -6.74 -5.71
N ILE A 51 4.92 -7.74 -6.31
CA ILE A 51 3.55 -8.04 -5.97
C ILE A 51 3.31 -8.32 -4.48
N SER A 52 4.15 -9.12 -3.85
CA SER A 52 3.96 -9.42 -2.44
C SER A 52 3.87 -8.14 -1.61
N LYS A 53 4.80 -7.23 -1.87
CA LYS A 53 4.92 -6.03 -1.07
C LYS A 53 3.78 -5.06 -1.32
N LYS A 54 3.47 -4.84 -2.57
CA LYS A 54 2.42 -3.93 -2.97
C LYS A 54 1.03 -4.39 -2.39
N LEU A 55 0.73 -5.67 -2.56
CA LEU A 55 -0.47 -6.28 -2.05
C LEU A 55 -0.58 -6.17 -0.55
N THR A 56 0.54 -6.38 0.12
CA THR A 56 0.56 -6.37 1.57
C THR A 56 0.29 -4.95 2.10
N ARG A 57 0.77 -3.97 1.34
CA ARG A 57 0.52 -2.55 1.60
C ARG A 57 -0.96 -2.18 1.50
N TYR A 58 -1.58 -2.63 0.42
CA TYR A 58 -2.97 -2.37 0.18
C TYR A 58 -3.81 -3.03 1.26
N LEU A 59 -3.59 -4.31 1.49
CA LEU A 59 -4.37 -5.08 2.48
C LEU A 59 -4.28 -4.49 3.87
N ASN A 60 -3.06 -4.15 4.33
CA ASN A 60 -2.91 -3.52 5.66
C ASN A 60 -3.62 -2.18 5.71
N TRP A 61 -3.48 -1.36 4.68
CA TRP A 61 -4.11 -0.04 4.72
C TRP A 61 -5.67 -0.17 4.80
N ILE A 62 -6.26 -1.14 4.09
CA ILE A 62 -7.72 -1.34 4.24
C ILE A 62 -8.09 -2.10 5.48
N GLY A 63 -7.13 -2.37 6.38
CA GLY A 63 -7.41 -2.97 7.70
C GLY A 63 -7.40 -4.51 7.76
N VAL A 64 -6.88 -5.18 6.74
CA VAL A 64 -6.67 -6.63 6.78
C VAL A 64 -5.19 -6.89 7.15
N PRO A 65 -4.91 -7.25 8.40
CA PRO A 65 -3.49 -7.44 8.78
C PRO A 65 -2.75 -8.52 7.96
N THR A 66 -1.65 -8.13 7.36
CA THR A 66 -1.02 -8.92 6.33
C THR A 66 0.47 -8.78 6.52
N LYS A 67 1.19 -9.86 6.28
CA LYS A 67 2.63 -9.88 6.45
C LYS A 67 3.30 -10.78 5.44
N VAL A 68 4.44 -10.33 4.95
CA VAL A 68 5.20 -11.10 3.97
C VAL A 68 6.28 -11.97 4.63
N PHE A 69 6.34 -13.22 4.21
CA PHE A 69 7.38 -14.15 4.61
C PHE A 69 8.16 -14.52 3.36
N ASN A 70 9.30 -13.88 3.20
CA ASN A 70 10.17 -14.08 2.06
C ASN A 70 11.22 -15.13 2.46
N VAL A 71 11.15 -16.30 1.85
CA VAL A 71 12.08 -17.40 2.15
C VAL A 71 13.53 -17.01 1.87
N GLY A 72 13.74 -16.21 0.84
CA GLY A 72 15.05 -15.71 0.54
C GLY A 72 15.76 -15.07 1.73
N GLU A 73 15.00 -14.37 2.55
CA GLU A 73 15.58 -13.66 3.69
C GLU A 73 15.91 -14.62 4.79
N TYR A 74 15.14 -15.70 4.88
CA TYR A 74 15.47 -16.78 5.80
C TYR A 74 16.78 -17.43 5.34
N ARG A 75 16.92 -17.62 4.03
CA ARG A 75 18.10 -18.26 3.50
C ARG A 75 19.31 -17.38 3.72
N ARG A 76 19.15 -16.07 3.51
CA ARG A 76 20.23 -15.13 3.80
C ARG A 76 20.67 -15.13 5.25
N GLU A 77 19.74 -15.35 6.16
CA GLU A 77 20.04 -15.33 7.60
C GLU A 77 20.80 -16.62 8.01
N ALA A 78 20.52 -17.71 7.32
CA ALA A 78 21.02 -19.01 7.71
C ALA A 78 22.40 -19.33 7.10
N VAL A 79 22.81 -18.54 6.14
CA VAL A 79 23.98 -18.86 5.36
C VAL A 79 24.87 -17.64 5.20
N LYS A 80 26.18 -17.91 5.22
CA LYS A 80 27.21 -16.91 5.44
C LYS A 80 27.05 -15.66 4.57
N GLN A 81 27.24 -15.83 3.28
CA GLN A 81 27.20 -14.72 2.38
C GLN A 81 27.13 -15.36 1.04
N TYR A 82 26.41 -14.73 0.15
CA TYR A 82 26.19 -15.31 -1.14
C TYR A 82 27.46 -15.21 -1.94
N SER A 83 27.85 -16.32 -2.54
CA SER A 83 29.02 -16.31 -3.41
C SER A 83 28.58 -16.46 -4.86
N SER A 84 27.69 -17.41 -5.17
CA SER A 84 27.27 -17.58 -6.55
C SER A 84 26.06 -18.47 -6.75
N TYR A 85 25.62 -18.52 -8.02
CA TYR A 85 24.50 -19.31 -8.43
C TYR A 85 24.67 -20.81 -8.17
N ASN A 86 25.91 -21.24 -7.96
CA ASN A 86 26.17 -22.65 -7.59
C ASN A 86 25.38 -23.12 -6.40
N PHE A 87 25.08 -22.19 -5.51
CA PHE A 87 24.25 -22.48 -4.35
C PHE A 87 22.86 -22.98 -4.78
N PHE A 88 22.39 -22.54 -5.95
CA PHE A 88 21.03 -22.89 -6.39
C PHE A 88 20.96 -24.08 -7.31
N ARG A 89 22.07 -24.81 -7.43
CA ARG A 89 22.11 -25.90 -8.38
C ARG A 89 21.21 -27.02 -7.88
N PRO A 90 20.45 -27.65 -8.80
CA PRO A 90 19.63 -28.78 -8.37
C PRO A 90 20.46 -29.94 -7.83
N ASP A 91 21.71 -30.11 -8.28
CA ASP A 91 22.56 -31.18 -7.72
C ASP A 91 23.23 -30.80 -6.40
N ASN A 92 22.98 -29.59 -5.91
CA ASN A 92 23.57 -29.14 -4.64
C ASN A 92 22.80 -29.70 -3.48
N GLU A 93 23.10 -30.94 -3.15
CA GLU A 93 22.30 -31.70 -2.21
C GLU A 93 22.19 -30.96 -0.89
N GLU A 94 23.25 -30.27 -0.50
CA GLU A 94 23.31 -29.60 0.77
C GLU A 94 22.56 -28.24 0.81
N ALA A 95 22.67 -27.47 -0.25
CA ALA A 95 21.94 -26.22 -0.35
C ALA A 95 20.43 -26.55 -0.42
N MET A 96 20.07 -27.65 -1.08
CA MET A 96 18.70 -28.07 -1.12
C MET A 96 18.16 -28.33 0.27
N LYS A 97 18.92 -28.99 1.13
CA LYS A 97 18.48 -29.24 2.52
C LYS A 97 18.29 -27.92 3.29
N VAL A 98 19.17 -26.96 3.04
CA VAL A 98 19.13 -25.66 3.69
C VAL A 98 17.91 -24.87 3.20
N ARG A 99 17.73 -24.79 1.88
CA ARG A 99 16.58 -24.16 1.28
C ARG A 99 15.25 -24.69 1.84
N LYS A 100 15.11 -26.00 1.90
CA LYS A 100 13.91 -26.62 2.38
C LYS A 100 13.70 -26.34 3.86
N GLN A 101 14.77 -26.29 4.63
CA GLN A 101 14.65 -25.94 6.03
C GLN A 101 14.27 -24.46 6.25
N CYS A 102 14.70 -23.59 5.35
CA CYS A 102 14.34 -22.19 5.40
C CYS A 102 12.85 -22.03 5.12
N ALA A 103 12.37 -22.80 4.17
CA ALA A 103 10.96 -22.83 3.84
C ALA A 103 10.13 -23.25 5.02
N LEU A 104 10.51 -24.35 5.66
CA LEU A 104 9.75 -24.86 6.80
C LEU A 104 9.76 -23.89 7.95
N ALA A 105 10.89 -23.21 8.17
CA ALA A 105 10.97 -22.19 9.21
C ALA A 105 10.07 -20.95 8.93
N ALA A 106 10.02 -20.49 7.68
CA ALA A 106 9.10 -19.46 7.27
C ALA A 106 7.65 -19.88 7.55
N LEU A 107 7.29 -21.10 7.15
CA LEU A 107 5.97 -21.63 7.43
C LEU A 107 5.65 -21.71 8.93
N ARG A 108 6.63 -22.06 9.73
CA ARG A 108 6.46 -22.05 11.18
C ARG A 108 6.07 -20.65 11.63
N ASP A 109 6.71 -19.63 11.07
CA ASP A 109 6.36 -18.28 11.41
C ASP A 109 4.97 -17.87 10.87
N VAL A 110 4.61 -18.39 9.68
CA VAL A 110 3.27 -18.16 9.10
C VAL A 110 2.20 -18.68 10.06
N LYS A 111 2.38 -19.91 10.52
CA LYS A 111 1.48 -20.49 11.52
C LYS A 111 1.34 -19.60 12.75
N SER A 112 2.46 -19.17 13.29
CA SER A 112 2.41 -18.38 14.47
C SER A 112 1.67 -17.05 14.20
N TYR A 113 1.86 -16.47 13.01
CA TYR A 113 1.34 -15.14 12.69
C TYR A 113 -0.18 -15.22 12.55
N LEU A 114 -0.63 -16.24 11.82
CA LEU A 114 -2.04 -16.43 11.57
C LEU A 114 -2.81 -17.03 12.76
N ALA A 115 -2.19 -17.90 13.55
CA ALA A 115 -2.91 -18.60 14.61
C ALA A 115 -2.85 -17.88 15.95
N LYS A 116 -1.84 -17.04 16.17
CA LYS A 116 -1.56 -16.56 17.49
C LYS A 116 -1.30 -15.08 17.57
N GLU A 117 -1.00 -14.44 16.45
CA GLU A 117 -0.65 -13.03 16.48
C GLU A 117 -1.73 -12.19 15.82
N GLY A 118 -2.86 -12.80 15.45
CA GLY A 118 -3.98 -12.06 14.84
C GLY A 118 -3.76 -11.63 13.40
N GLY A 119 -2.83 -12.28 12.73
CA GLY A 119 -2.60 -12.04 11.33
C GLY A 119 -3.73 -12.63 10.55
N GLN A 120 -4.11 -11.99 9.45
CA GLN A 120 -5.20 -12.50 8.62
C GLN A 120 -4.71 -13.13 7.34
N ILE A 121 -3.68 -12.51 6.76
CA ILE A 121 -3.13 -12.93 5.47
C ILE A 121 -1.61 -13.02 5.60
N ALA A 122 -1.07 -14.18 5.25
CA ALA A 122 0.36 -14.39 5.21
C ALA A 122 0.76 -14.60 3.77
N VAL A 123 1.69 -13.80 3.27
CA VAL A 123 2.14 -13.98 1.87
C VAL A 123 3.50 -14.70 1.87
N PHE A 124 3.52 -15.88 1.25
CA PHE A 124 4.65 -16.80 1.25
C PHE A 124 5.34 -16.57 -0.06
N ASP A 125 6.40 -15.78 0.00
CA ASP A 125 7.03 -15.24 -1.15
C ASP A 125 8.31 -16.05 -1.42
N ALA A 126 8.16 -17.03 -2.31
CA ALA A 126 9.27 -17.79 -2.84
C ALA A 126 8.90 -18.22 -4.24
N THR A 127 9.80 -18.94 -4.87
CA THR A 127 9.57 -19.52 -6.20
C THR A 127 8.47 -20.57 -6.25
N ASN A 128 8.47 -21.49 -5.28
CA ASN A 128 7.43 -22.52 -5.18
C ASN A 128 7.01 -23.09 -6.55
N THR A 129 8.01 -23.39 -7.35
CA THR A 129 7.86 -23.84 -8.71
C THR A 129 7.59 -25.33 -8.95
N THR A 130 7.66 -26.13 -7.91
CA THR A 130 7.40 -27.56 -8.04
C THR A 130 6.07 -27.96 -7.40
N ARG A 131 5.41 -28.92 -8.02
CA ARG A 131 4.16 -29.44 -7.52
C ARG A 131 4.39 -29.96 -6.15
N GLU A 132 5.57 -30.53 -5.93
CA GLU A 132 5.82 -31.18 -4.67
C GLU A 132 5.85 -30.14 -3.55
N ARG A 133 6.58 -29.04 -3.77
CA ARG A 133 6.66 -27.95 -2.80
C ARG A 133 5.25 -27.37 -2.51
N ARG A 134 4.45 -27.17 -3.53
CA ARG A 134 3.14 -26.58 -3.37
C ARG A 134 2.24 -27.55 -2.63
N HIS A 135 2.39 -28.82 -2.95
CA HIS A 135 1.68 -29.86 -2.21
C HIS A 135 2.04 -29.82 -0.72
N MET A 136 3.30 -29.63 -0.37
CA MET A 136 3.60 -29.53 1.04
C MET A 136 2.90 -28.31 1.66
N ILE A 137 2.82 -27.19 0.94
CA ILE A 137 2.18 -25.98 1.49
C ILE A 137 0.68 -26.16 1.68
N LEU A 138 0.05 -26.82 0.73
CA LEU A 138 -1.35 -27.20 0.87
C LEU A 138 -1.57 -28.00 2.12
N HIS A 139 -0.74 -29.01 2.31
CA HIS A 139 -0.89 -29.88 3.45
C HIS A 139 -0.74 -29.06 4.73
N PHE A 140 0.26 -28.18 4.78
CA PHE A 140 0.40 -27.26 5.91
C PHE A 140 -0.85 -26.38 6.16
N ALA A 141 -1.46 -25.88 5.11
CA ALA A 141 -2.64 -25.03 5.24
C ALA A 141 -3.86 -25.83 5.70
N LYS A 142 -4.13 -26.92 5.00
CA LYS A 142 -5.24 -27.81 5.33
C LYS A 142 -5.23 -28.19 6.80
N GLU A 143 -4.06 -28.59 7.31
CA GLU A 143 -3.96 -29.05 8.68
C GLU A 143 -3.94 -27.94 9.73
N ASN A 144 -3.85 -26.67 9.33
CA ASN A 144 -3.99 -25.58 10.29
C ASN A 144 -5.29 -24.81 10.09
N ASP A 145 -6.16 -25.29 9.21
CA ASP A 145 -7.40 -24.58 8.80
C ASP A 145 -7.11 -23.21 8.20
N PHE A 146 -6.12 -23.14 7.31
CA PHE A 146 -5.83 -21.91 6.60
C PHE A 146 -6.31 -22.16 5.22
N LYS A 147 -6.80 -21.13 4.55
CA LYS A 147 -7.09 -21.27 3.14
C LYS A 147 -5.79 -21.01 2.43
N ALA A 148 -5.69 -21.52 1.21
CA ALA A 148 -4.54 -21.32 0.34
C ALA A 148 -4.98 -20.64 -0.95
N PHE A 149 -4.25 -19.62 -1.37
CA PHE A 149 -4.54 -18.90 -2.61
C PHE A 149 -3.25 -18.68 -3.37
N PHE A 150 -3.19 -19.14 -4.60
CA PHE A 150 -1.96 -19.09 -5.37
C PHE A 150 -1.90 -17.94 -6.36
N ILE A 151 -0.77 -17.24 -6.40
CA ILE A 151 -0.52 -16.22 -7.40
C ILE A 151 0.77 -16.48 -8.16
N GLU A 152 0.65 -16.76 -9.45
CA GLU A 152 1.77 -17.10 -10.29
C GLU A 152 2.00 -16.00 -11.29
N SER A 153 3.25 -15.54 -11.39
CA SER A 153 3.60 -14.57 -12.37
C SER A 153 4.44 -15.25 -13.47
N VAL A 154 3.98 -15.14 -14.71
CA VAL A 154 4.61 -15.79 -15.85
C VAL A 154 5.07 -14.71 -16.78
N CYS A 155 6.33 -14.78 -17.18
CA CYS A 155 6.89 -13.85 -18.18
C CYS A 155 8.15 -14.39 -18.84
N ASP A 156 8.12 -14.47 -20.17
CA ASP A 156 9.24 -14.98 -20.97
C ASP A 156 9.78 -13.90 -21.91
N ASP A 157 9.76 -12.65 -21.48
CA ASP A 157 10.31 -11.56 -22.28
C ASP A 157 11.67 -11.12 -21.70
N PRO A 158 12.75 -11.45 -22.42
CA PRO A 158 14.11 -11.16 -21.95
C PRO A 158 14.32 -9.72 -21.48
N THR A 159 13.71 -8.77 -22.19
CA THR A 159 13.83 -7.38 -21.81
C THR A 159 13.30 -7.12 -20.39
N VAL A 160 12.16 -7.72 -20.08
CA VAL A 160 11.53 -7.48 -18.78
C VAL A 160 12.39 -8.11 -17.70
N VAL A 161 12.72 -9.37 -17.90
CA VAL A 161 13.63 -10.05 -16.99
C VAL A 161 14.92 -9.25 -16.80
N ALA A 162 15.58 -8.88 -17.90
CA ALA A 162 16.87 -8.14 -17.77
C ALA A 162 16.67 -6.87 -16.93
N SER A 163 15.62 -6.14 -17.26
CA SER A 163 15.32 -4.93 -16.55
C SER A 163 15.07 -5.20 -15.05
N ASN A 164 14.35 -6.28 -14.75
CA ASN A 164 14.10 -6.61 -13.35
C ASN A 164 15.40 -6.85 -12.62
N ILE A 165 16.32 -7.57 -13.26
CA ILE A 165 17.60 -7.88 -12.63
C ILE A 165 18.40 -6.63 -12.37
N MET A 166 18.51 -5.77 -13.38
CA MET A 166 19.15 -4.45 -13.20
C MET A 166 18.52 -3.66 -12.05
N GLU A 167 17.19 -3.61 -12.01
CA GLU A 167 16.51 -2.66 -11.12
C GLU A 167 16.60 -3.07 -9.67
N VAL A 168 16.36 -4.34 -9.36
CA VAL A 168 16.33 -4.74 -7.94
C VAL A 168 17.30 -5.84 -7.54
N LYS A 169 17.78 -6.66 -8.48
CA LYS A 169 18.59 -7.82 -8.09
C LYS A 169 20.04 -7.44 -7.87
N ILE A 170 20.64 -6.75 -8.83
CA ILE A 170 22.11 -6.49 -8.74
C ILE A 170 22.47 -5.66 -7.52
N SER A 171 21.47 -4.93 -7.04
CA SER A 171 21.59 -4.04 -5.91
C SER A 171 21.30 -4.76 -4.55
N SER A 172 20.77 -5.97 -4.61
CA SER A 172 20.52 -6.81 -3.42
C SER A 172 21.84 -7.07 -2.66
N PRO A 173 21.73 -7.39 -1.37
CA PRO A 173 22.92 -7.70 -0.54
C PRO A 173 23.70 -8.97 -0.97
N ASP A 174 23.01 -9.91 -1.62
CA ASP A 174 23.61 -11.11 -2.17
C ASP A 174 24.78 -10.66 -3.09
N TYR A 175 24.60 -9.54 -3.79
CA TYR A 175 25.49 -9.10 -4.84
C TYR A 175 26.43 -7.91 -4.49
N LYS A 176 26.57 -7.58 -3.21
CA LYS A 176 27.42 -6.42 -2.84
C LYS A 176 28.89 -6.59 -3.28
N ASP A 177 29.44 -7.78 -3.09
CA ASP A 177 30.82 -8.06 -3.49
C ASP A 177 30.95 -8.12 -5.00
N CYS A 178 29.96 -8.64 -5.72
CA CYS A 178 29.96 -8.60 -7.18
C CYS A 178 28.99 -7.54 -7.65
N ASN A 179 29.45 -6.62 -8.50
CA ASN A 179 28.49 -5.74 -9.15
C ASN A 179 28.39 -5.76 -10.68
N SER A 180 27.18 -5.45 -11.12
CA SER A 180 26.81 -5.27 -12.50
C SER A 180 26.99 -6.47 -13.36
N ALA A 181 27.84 -6.39 -14.38
CA ALA A 181 27.90 -7.46 -15.39
C ALA A 181 27.99 -8.87 -14.77
N GLU A 182 28.68 -8.96 -13.64
CA GLU A 182 28.91 -10.25 -12.98
C GLU A 182 27.65 -10.70 -12.26
N ALA A 183 26.95 -9.74 -11.66
CA ALA A 183 25.72 -9.99 -10.92
C ALA A 183 24.62 -10.38 -11.90
N MET A 184 24.56 -9.67 -13.02
CA MET A 184 23.60 -9.91 -14.06
C MET A 184 23.87 -11.29 -14.62
N ASP A 185 25.14 -11.62 -14.75
CA ASP A 185 25.52 -12.90 -15.28
C ASP A 185 25.19 -14.01 -14.30
N ASP A 186 25.54 -13.81 -13.04
CA ASP A 186 25.22 -14.79 -12.04
C ASP A 186 23.69 -15.01 -11.92
N PHE A 187 22.90 -13.96 -12.09
CA PHE A 187 21.48 -14.08 -11.83
C PHE A 187 20.83 -14.86 -12.96
N MET A 188 21.33 -14.70 -14.18
CA MET A 188 20.77 -15.45 -15.30
C MET A 188 20.99 -16.94 -15.12
N LYS A 189 22.12 -17.32 -14.54
CA LYS A 189 22.42 -18.73 -14.38
C LYS A 189 21.63 -19.27 -13.22
N ARG A 190 21.43 -18.40 -12.25
CA ARG A 190 20.58 -18.73 -11.13
C ARG A 190 19.18 -19.11 -11.61
N ILE A 191 18.62 -18.28 -12.48
CA ILE A 191 17.31 -18.54 -13.07
C ILE A 191 17.29 -19.88 -13.75
N SER A 192 18.28 -20.10 -14.62
CA SER A 192 18.33 -21.36 -15.39
C SER A 192 18.37 -22.58 -14.47
N CYS A 193 18.86 -22.42 -13.24
CA CYS A 193 18.80 -23.54 -12.27
C CYS A 193 17.39 -23.99 -11.95
N TYR A 194 16.39 -23.16 -12.19
CA TYR A 194 15.02 -23.52 -11.78
C TYR A 194 14.23 -24.03 -12.97
N GLU A 195 14.77 -23.85 -14.16
CA GLU A 195 13.97 -24.07 -15.37
C GLU A 195 13.55 -25.53 -15.56
N ALA A 196 14.44 -26.48 -15.31
CA ALA A 196 14.14 -27.88 -15.59
C ALA A 196 13.00 -28.43 -14.73
N SER A 197 12.92 -28.03 -13.47
CA SER A 197 11.90 -28.62 -12.59
C SER A 197 10.66 -27.73 -12.42
N TYR A 198 10.61 -26.61 -13.14
CA TYR A 198 9.46 -25.68 -13.00
C TYR A 198 8.17 -26.29 -13.54
N GLN A 199 7.18 -26.50 -12.66
CA GLN A 199 5.86 -27.00 -13.12
C GLN A 199 4.79 -25.91 -12.93
N PRO A 200 4.42 -25.22 -13.99
CA PRO A 200 3.44 -24.16 -13.84
C PRO A 200 2.10 -24.61 -13.28
N LEU A 201 1.36 -23.69 -12.69
CA LEU A 201 0.02 -24.00 -12.24
C LEU A 201 -0.76 -24.47 -13.47
N ASP A 202 -1.48 -25.58 -13.30
CA ASP A 202 -2.23 -26.19 -14.36
C ASP A 202 -3.73 -26.21 -13.98
N PRO A 203 -4.41 -25.08 -14.12
CA PRO A 203 -5.83 -25.04 -13.72
C PRO A 203 -6.72 -25.96 -14.59
N ASP A 204 -6.30 -26.22 -15.83
CA ASP A 204 -7.02 -27.12 -16.73
C ASP A 204 -7.18 -28.50 -16.15
N LYS A 205 -6.14 -29.01 -15.51
CA LYS A 205 -6.14 -30.37 -15.07
C LYS A 205 -5.72 -30.53 -13.63
N CYS A 206 -4.42 -30.62 -13.40
CA CYS A 206 -3.96 -31.14 -12.13
C CYS A 206 -4.20 -30.10 -11.02
N ASP A 207 -4.41 -28.83 -11.39
CA ASP A 207 -4.67 -27.81 -10.37
C ASP A 207 -6.10 -27.28 -10.41
N ARG A 208 -7.01 -28.03 -11.04
CA ARG A 208 -8.36 -27.51 -11.34
C ARG A 208 -9.13 -27.16 -10.09
N ASP A 209 -8.72 -27.71 -8.95
CA ASP A 209 -9.40 -27.51 -7.68
C ASP A 209 -8.74 -26.44 -6.81
N LEU A 210 -7.60 -25.90 -7.22
CA LEU A 210 -7.01 -24.84 -6.40
C LEU A 210 -7.61 -23.46 -6.70
N SER A 211 -7.54 -22.57 -5.72
CA SER A 211 -7.87 -21.18 -5.94
C SER A 211 -6.60 -20.45 -6.36
N LEU A 212 -6.59 -19.84 -7.55
CA LEU A 212 -5.39 -19.22 -8.05
C LEU A 212 -5.64 -18.13 -9.07
N ILE A 213 -4.62 -17.31 -9.25
CA ILE A 213 -4.55 -16.45 -10.39
C ILE A 213 -3.19 -16.61 -11.05
N LYS A 214 -3.21 -16.79 -12.35
CA LYS A 214 -1.99 -16.81 -13.11
C LYS A 214 -1.98 -15.51 -13.87
N VAL A 215 -0.97 -14.69 -13.63
CA VAL A 215 -0.83 -13.43 -14.27
C VAL A 215 0.24 -13.54 -15.31
N ILE A 216 -0.07 -13.08 -16.51
CA ILE A 216 0.76 -13.31 -17.64
C ILE A 216 1.21 -12.00 -18.22
N ASP A 217 2.51 -11.88 -18.44
CA ASP A 217 3.08 -10.77 -19.16
C ASP A 217 2.86 -9.42 -18.52
N VAL A 218 3.12 -9.35 -17.23
CA VAL A 218 3.12 -8.08 -16.49
C VAL A 218 1.69 -7.51 -16.43
N GLY A 219 0.71 -8.39 -16.24
CA GLY A 219 -0.68 -7.99 -16.13
C GLY A 219 -1.39 -7.86 -17.45
N ARG A 220 -0.88 -8.42 -18.53
CA ARG A 220 -1.60 -8.30 -19.79
C ARG A 220 -2.84 -9.24 -19.77
N ARG A 221 -2.66 -10.44 -19.23
CA ARG A 221 -3.75 -11.39 -19.10
C ARG A 221 -3.71 -12.15 -17.79
N PHE A 222 -4.88 -12.66 -17.41
CA PHE A 222 -5.05 -13.35 -16.17
C PHE A 222 -5.87 -14.57 -16.40
N LEU A 223 -5.58 -15.60 -15.62
CA LEU A 223 -6.38 -16.78 -15.60
C LEU A 223 -6.70 -16.95 -14.14
N VAL A 224 -7.99 -16.98 -13.82
CA VAL A 224 -8.46 -16.96 -12.44
C VAL A 224 -9.34 -18.18 -12.27
N ASN A 225 -9.12 -18.92 -11.19
CA ASN A 225 -9.77 -20.20 -11.01
C ASN A 225 -10.23 -20.29 -9.59
N ARG A 226 -11.53 -20.49 -9.42
CA ARG A 226 -12.18 -20.75 -8.12
C ARG A 226 -11.93 -19.71 -7.03
N VAL A 227 -12.36 -18.46 -7.20
CA VAL A 227 -12.29 -17.53 -6.09
C VAL A 227 -13.19 -17.98 -4.94
N GLN A 228 -12.63 -18.16 -3.73
CA GLN A 228 -13.38 -18.74 -2.60
C GLN A 228 -14.10 -17.69 -1.74
N ASP A 229 -13.61 -16.46 -1.70
CA ASP A 229 -14.09 -15.49 -0.72
C ASP A 229 -13.78 -14.04 -1.14
N HIS A 230 -14.21 -13.08 -0.35
CA HIS A 230 -14.15 -11.69 -0.78
C HIS A 230 -12.71 -11.14 -0.88
N ILE A 231 -11.81 -11.61 -0.02
CA ILE A 231 -10.43 -11.10 -0.05
C ILE A 231 -9.78 -11.42 -1.39
N GLN A 232 -10.03 -12.65 -1.84
CA GLN A 232 -9.46 -13.10 -3.07
C GLN A 232 -10.02 -12.39 -4.28
N SER A 233 -11.34 -12.16 -4.31
CA SER A 233 -11.86 -11.42 -5.47
C SER A 233 -11.33 -9.97 -5.42
N ARG A 234 -11.21 -9.40 -4.23
CA ARG A 234 -10.61 -8.06 -4.07
CA ARG A 234 -10.61 -8.05 -4.12
C ARG A 234 -9.14 -7.99 -4.54
N ILE A 235 -8.37 -9.04 -4.27
CA ILE A 235 -6.96 -9.11 -4.70
C ILE A 235 -6.94 -9.14 -6.20
N VAL A 236 -7.78 -9.98 -6.78
CA VAL A 236 -7.83 -10.02 -8.23
C VAL A 236 -8.17 -8.68 -8.86
N TYR A 237 -9.17 -8.03 -8.28
CA TYR A 237 -9.59 -6.72 -8.77
C TYR A 237 -8.42 -5.72 -8.69
N TYR A 238 -7.71 -5.74 -7.57
CA TYR A 238 -6.54 -4.89 -7.36
C TYR A 238 -5.48 -5.18 -8.42
N LEU A 239 -5.16 -6.44 -8.63
CA LEU A 239 -4.18 -6.82 -9.65
C LEU A 239 -4.58 -6.40 -11.04
N MET A 240 -5.87 -6.23 -11.27
CA MET A 240 -6.36 -5.86 -12.59
C MET A 240 -6.36 -4.38 -12.78
N ASN A 241 -6.12 -3.67 -11.67
CA ASN A 241 -6.08 -2.23 -11.73
C ASN A 241 -4.69 -1.60 -11.64
N ILE A 242 -3.70 -2.33 -11.13
CA ILE A 242 -2.39 -1.73 -11.03
C ILE A 242 -1.61 -1.80 -12.36
N HIS A 243 -0.52 -1.06 -12.45
CA HIS A 243 0.31 -1.06 -13.64
C HIS A 243 1.71 -0.59 -13.29
N VAL A 244 2.65 -0.80 -14.19
CA VAL A 244 4.03 -0.47 -13.90
C VAL A 244 4.61 0.60 -14.80
N GLN A 245 3.78 1.33 -15.52
CA GLN A 245 4.21 2.48 -16.32
C GLN A 245 4.75 3.57 -15.42
N PRO A 246 5.74 4.31 -15.90
CA PRO A 246 6.26 5.43 -15.13
C PRO A 246 5.22 6.57 -15.02
N ARG A 247 5.14 7.18 -13.84
CA ARG A 247 4.25 8.30 -13.63
C ARG A 247 4.57 9.00 -12.32
N THR A 248 3.90 10.12 -12.08
CA THR A 248 4.09 10.87 -10.88
C THR A 248 2.77 11.22 -10.21
N ILE A 249 2.72 11.11 -8.89
CA ILE A 249 1.55 11.52 -8.14
C ILE A 249 1.86 12.69 -7.23
N TYR A 250 1.13 13.77 -7.42
CA TYR A 250 1.28 14.95 -6.60
C TYR A 250 0.11 15.06 -5.65
N LEU A 251 0.38 15.24 -4.36
CA LEU A 251 -0.63 15.44 -3.37
C LEU A 251 -0.41 16.77 -2.67
N CYS A 252 -1.45 17.55 -2.46
CA CYS A 252 -1.38 18.76 -1.64
C CYS A 252 -2.72 19.11 -1.08
N ARG A 253 -2.70 20.06 -0.16
CA ARG A 253 -3.92 20.62 0.39
C ARG A 253 -4.38 21.83 -0.40
N HIS A 254 -5.64 22.18 -0.18
CA HIS A 254 -6.17 23.45 -0.57
C HIS A 254 -5.24 24.50 0.01
N GLY A 255 -5.01 25.56 -0.76
CA GLY A 255 -4.58 26.82 -0.20
C GLY A 255 -5.24 27.11 1.13
N GLU A 256 -4.51 27.81 2.00
CA GLU A 256 -5.04 28.27 3.27
C GLU A 256 -6.38 28.96 3.11
N ASN A 257 -7.28 28.66 4.02
CA ASN A 257 -8.62 29.16 3.98
C ASN A 257 -8.98 29.97 5.21
N GLU A 258 -10.15 30.58 5.20
CA GLU A 258 -10.51 31.49 6.27
C GLU A 258 -10.63 30.77 7.61
N HIS A 259 -11.12 29.54 7.60
CA HIS A 259 -11.22 28.76 8.83
C HIS A 259 -9.82 28.41 9.38
N ASN A 260 -8.85 28.19 8.51
CA ASN A 260 -7.49 27.91 8.97
C ASN A 260 -6.95 29.11 9.77
N LEU A 261 -7.17 30.32 9.25
CA LEU A 261 -6.81 31.56 9.92
C LEU A 261 -7.45 31.67 11.28
N GLN A 262 -8.69 31.20 11.43
CA GLN A 262 -9.33 31.19 12.76
C GLN A 262 -9.08 29.96 13.63
N GLY A 263 -8.29 28.99 13.17
CA GLY A 263 -8.06 27.76 13.98
C GLY A 263 -9.32 26.88 14.09
N ARG A 264 -10.21 27.04 13.10
CA ARG A 264 -11.50 26.34 13.10
C ARG A 264 -11.45 25.12 12.21
N ILE A 265 -11.95 23.99 12.72
CA ILE A 265 -11.92 22.75 11.97
C ILE A 265 -13.17 22.53 11.12
N GLY A 266 -13.01 21.73 10.06
CA GLY A 266 -14.08 21.43 9.14
C GLY A 266 -14.57 22.62 8.34
N GLY A 267 -15.87 22.63 8.11
CA GLY A 267 -16.53 23.74 7.44
C GLY A 267 -16.30 23.73 5.95
N ASP A 268 -16.78 24.75 5.25
CA ASP A 268 -16.62 24.87 3.82
C ASP A 268 -16.21 26.33 3.44
N SER A 269 -15.32 26.94 4.20
CA SER A 269 -14.78 28.28 3.88
C SER A 269 -13.94 28.40 2.59
N GLY A 270 -13.79 29.63 2.11
CA GLY A 270 -12.99 29.93 0.89
C GLY A 270 -11.52 30.27 1.20
N LEU A 271 -10.74 30.43 0.15
CA LEU A 271 -9.32 30.72 0.31
C LEU A 271 -9.13 32.09 0.90
N SER A 272 -8.20 32.21 1.85
CA SER A 272 -7.59 33.49 2.31
C SER A 272 -6.79 34.16 1.17
N SER A 273 -6.26 35.36 1.39
CA SER A 273 -5.43 35.96 0.32
C SER A 273 -4.15 35.16 0.12
N ARG A 274 -3.63 34.60 1.20
CA ARG A 274 -2.44 33.77 1.08
C ARG A 274 -2.76 32.45 0.32
N GLY A 275 -3.88 31.84 0.68
CA GLY A 275 -4.35 30.67 -0.08
C GLY A 275 -4.36 30.92 -1.56
N LYS A 276 -4.88 32.08 -1.98
CA LYS A 276 -4.85 32.42 -3.43
C LYS A 276 -3.45 32.57 -3.99
N LYS A 277 -2.52 33.10 -3.20
CA LYS A 277 -1.14 33.20 -3.68
C LYS A 277 -0.60 31.79 -3.87
N PHE A 278 -0.92 30.90 -2.94
CA PHE A 278 -0.53 29.48 -3.14
C PHE A 278 -1.08 28.92 -4.46
N ALA A 279 -2.32 29.25 -4.77
CA ALA A 279 -2.94 28.67 -5.95
C ALA A 279 -2.16 29.12 -7.17
N SER A 280 -1.91 30.42 -7.26
CA SER A 280 -1.07 30.93 -8.38
C SER A 280 0.28 30.22 -8.45
N ALA A 281 0.90 30.04 -7.29
CA ALA A 281 2.21 29.35 -7.22
C ALA A 281 2.12 27.88 -7.64
N LEU A 282 1.05 27.20 -7.22
CA LEU A 282 0.80 25.81 -7.64
C LEU A 282 0.66 25.75 -9.13
N SER A 283 -0.03 26.73 -9.67
CA SER A 283 -0.16 26.79 -11.13
C SER A 283 1.22 26.88 -11.79
N LYS A 284 2.06 27.75 -11.24
CA LYS A 284 3.39 27.94 -11.76
C LYS A 284 4.15 26.62 -11.65
N PHE A 285 4.15 26.04 -10.45
CA PHE A 285 4.79 24.76 -10.27
C PHE A 285 4.33 23.69 -11.27
N VAL A 286 3.03 23.58 -11.50
CA VAL A 286 2.54 22.50 -12.35
C VAL A 286 3.01 22.69 -13.77
N GLU A 287 2.91 23.93 -14.23
CA GLU A 287 3.35 24.31 -15.57
C GLU A 287 4.81 23.89 -15.73
N GLU A 288 5.68 24.27 -14.77
CA GLU A 288 7.12 23.91 -14.80
C GLU A 288 7.44 22.43 -14.68
N GLN A 289 6.53 21.62 -14.14
CA GLN A 289 6.74 20.18 -14.10
C GLN A 289 6.61 19.58 -15.51
N ASN A 290 5.88 20.28 -16.38
CA ASN A 290 5.88 19.96 -17.80
C ASN A 290 5.32 18.55 -18.09
N LEU A 291 4.20 18.23 -17.46
CA LEU A 291 3.63 16.89 -17.55
C LEU A 291 2.74 16.79 -18.75
N LYS A 292 2.55 15.58 -19.27
CA LYS A 292 1.53 15.39 -20.27
C LYS A 292 0.37 14.73 -19.55
N ASP A 293 -0.84 15.15 -19.87
CA ASP A 293 -2.05 14.47 -19.41
C ASP A 293 -2.13 14.33 -17.89
N LEU A 294 -1.89 15.43 -17.22
CA LEU A 294 -2.05 15.48 -15.79
C LEU A 294 -3.54 15.50 -15.47
N ARG A 295 -4.04 14.56 -14.67
CA ARG A 295 -5.44 14.64 -14.21
C ARG A 295 -5.37 15.35 -12.90
N VAL A 296 -6.38 16.16 -12.63
CA VAL A 296 -6.51 16.91 -11.40
C VAL A 296 -7.84 16.53 -10.68
N TRP A 297 -7.74 16.20 -9.37
CA TRP A 297 -8.86 15.78 -8.57
C TRP A 297 -8.93 16.68 -7.38
N THR A 298 -10.15 17.12 -7.05
CA THR A 298 -10.39 17.92 -5.89
C THR A 298 -11.45 17.22 -5.07
N SER A 299 -11.69 17.74 -3.87
CA SER A 299 -12.87 17.44 -3.13
C SER A 299 -14.06 18.31 -3.69
N GLN A 300 -15.18 18.25 -2.98
CA GLN A 300 -16.35 19.07 -3.32
C GLN A 300 -16.36 20.28 -2.44
N LEU A 301 -15.35 20.41 -1.59
CA LEU A 301 -15.31 21.59 -0.73
C LEU A 301 -14.62 22.74 -1.46
N LYS A 302 -15.13 23.95 -1.20
CA LYS A 302 -14.78 25.14 -1.98
C LYS A 302 -13.26 25.41 -2.12
N SER A 303 -12.57 25.27 -0.99
CA SER A 303 -11.13 25.67 -0.95
C SER A 303 -10.28 24.85 -1.92
N THR A 304 -10.59 23.56 -2.06
CA THR A 304 -9.84 22.75 -3.01
C THR A 304 -10.18 23.13 -4.43
N ILE A 305 -11.44 23.47 -4.64
CA ILE A 305 -11.93 23.79 -6.00
C ILE A 305 -11.37 25.14 -6.44
N GLN A 306 -11.41 26.12 -5.54
CA GLN A 306 -10.75 27.41 -5.84
C GLN A 306 -9.27 27.23 -6.19
N THR A 307 -8.60 26.31 -5.50
CA THR A 307 -7.18 26.09 -5.73
C THR A 307 -6.99 25.55 -7.14
N ALA A 308 -7.84 24.58 -7.53
CA ALA A 308 -7.70 24.02 -8.86
C ALA A 308 -8.07 25.03 -9.92
N GLU A 309 -8.95 25.97 -9.59
CA GLU A 309 -9.35 26.96 -10.60
C GLU A 309 -8.13 27.77 -11.12
N ALA A 310 -7.17 28.03 -10.22
CA ALA A 310 -5.96 28.77 -10.64
C ALA A 310 -5.14 28.01 -11.68
N LEU A 311 -5.33 26.69 -11.79
CA LEU A 311 -4.43 25.89 -12.64
C LEU A 311 -4.75 26.03 -14.12
N ARG A 312 -5.98 26.41 -14.43
CA ARG A 312 -6.44 26.48 -15.81
C ARG A 312 -6.35 25.11 -16.48
N LEU A 313 -6.65 24.06 -15.73
CA LEU A 313 -6.68 22.70 -16.25
C LEU A 313 -8.04 22.09 -15.94
N PRO A 314 -8.47 21.13 -16.76
CA PRO A 314 -9.71 20.45 -16.36
C PRO A 314 -9.48 19.64 -15.04
N TYR A 315 -10.48 19.62 -14.18
CA TYR A 315 -10.39 18.87 -12.95
C TYR A 315 -11.75 18.24 -12.60
N GLU A 316 -11.74 17.28 -11.69
CA GLU A 316 -12.92 16.54 -11.36
C GLU A 316 -13.01 16.47 -9.85
N GLN A 317 -14.20 16.71 -9.30
CA GLN A 317 -14.45 16.73 -7.89
C GLN A 317 -14.94 15.38 -7.41
N TRP A 318 -14.65 15.02 -6.18
CA TRP A 318 -14.99 13.71 -5.60
C TRP A 318 -15.39 13.98 -4.18
N LYS A 319 -16.57 13.54 -3.81
CA LYS A 319 -17.06 13.68 -2.44
C LYS A 319 -16.21 12.87 -1.49
N ALA A 320 -15.65 11.78 -1.97
CA ALA A 320 -14.79 10.96 -1.16
C ALA A 320 -13.54 11.71 -0.65
N LEU A 321 -13.11 12.75 -1.37
CA LEU A 321 -11.94 13.52 -0.96
C LEU A 321 -12.25 14.59 0.02
N ASN A 322 -13.53 14.75 0.37
CA ASN A 322 -13.91 15.73 1.37
C ASN A 322 -13.28 15.41 2.70
N GLU A 323 -12.98 16.43 3.49
CA GLU A 323 -12.25 16.30 4.74
C GLU A 323 -13.09 15.52 5.70
N ILE A 324 -12.41 14.89 6.66
CA ILE A 324 -13.05 14.16 7.73
C ILE A 324 -14.21 14.96 8.36
N ASP A 325 -15.30 14.28 8.63
CA ASP A 325 -16.48 14.93 9.16
C ASP A 325 -16.41 14.98 10.68
N ALA A 326 -16.22 16.17 11.26
CA ALA A 326 -16.09 16.27 12.72
C ALA A 326 -17.41 16.22 13.48
N GLY A 327 -18.52 16.01 12.77
CA GLY A 327 -19.80 15.88 13.41
C GLY A 327 -20.25 17.12 14.15
N VAL A 328 -20.52 16.98 15.44
CA VAL A 328 -20.98 18.14 16.24
C VAL A 328 -19.86 19.18 16.45
N CYS A 329 -18.62 18.80 16.20
CA CYS A 329 -17.52 19.72 16.43
C CYS A 329 -17.22 20.53 15.19
N GLU A 330 -17.94 20.29 14.10
CA GLU A 330 -17.67 21.00 12.89
C GLU A 330 -17.67 22.49 13.21
N GLU A 331 -16.70 23.19 12.64
CA GLU A 331 -16.56 24.65 12.70
C GLU A 331 -16.13 25.24 14.03
N LEU A 332 -15.68 24.38 14.93
CA LEU A 332 -15.17 24.80 16.21
C LEU A 332 -13.64 24.82 16.19
N THR A 333 -13.05 25.58 17.13
CA THR A 333 -11.61 25.60 17.34
C THR A 333 -11.33 24.45 18.24
N TYR A 334 -10.06 24.02 18.30
CA TYR A 334 -9.69 22.95 19.20
C TYR A 334 -9.90 23.34 20.67
N GLU A 335 -9.65 24.61 20.98
CA GLU A 335 -9.94 25.20 22.30
C GLU A 335 -11.42 25.07 22.66
N GLU A 336 -12.31 25.51 21.77
CA GLU A 336 -13.76 25.35 21.96
C GLU A 336 -14.15 23.89 22.17
N ILE A 337 -13.52 22.97 21.43
CA ILE A 337 -13.80 21.56 21.64
C ILE A 337 -13.33 21.10 23.03
N ARG A 338 -12.18 21.55 23.48
CA ARG A 338 -11.70 21.15 24.83
C ARG A 338 -12.59 21.73 25.94
N ASP A 339 -13.10 22.94 25.74
CA ASP A 339 -13.99 23.58 26.73
C ASP A 339 -15.37 22.94 26.73
N THR A 340 -15.91 22.67 25.54
CA THR A 340 -17.29 22.19 25.42
C THR A 340 -17.39 20.68 25.59
N TYR A 341 -16.45 19.93 25.02
CA TYR A 341 -16.52 18.46 25.02
C TYR A 341 -15.20 17.90 25.53
N PRO A 342 -14.86 18.17 26.81
CA PRO A 342 -13.53 17.85 27.32
C PRO A 342 -13.19 16.36 27.27
N GLU A 343 -14.17 15.48 27.48
CA GLU A 343 -13.92 14.04 27.42
C GLU A 343 -13.71 13.57 25.95
N GLU A 344 -14.46 14.16 25.02
CA GLU A 344 -14.29 13.85 23.59
C GLU A 344 -12.88 14.22 23.09
N TYR A 345 -12.43 15.39 23.55
CA TYR A 345 -11.07 15.90 23.24
C TYR A 345 -10.01 14.90 23.68
N ALA A 346 -10.11 14.48 24.93
CA ALA A 346 -9.12 13.58 25.51
C ALA A 346 -9.11 12.24 24.82
N LEU A 347 -10.30 11.69 24.58
CA LEU A 347 -10.43 10.39 23.90
C LEU A 347 -9.77 10.41 22.49
N ARG A 348 -9.89 11.53 21.78
CA ARG A 348 -9.28 11.66 20.46
C ARG A 348 -7.75 11.65 20.51
N GLU A 349 -7.20 12.40 21.46
CA GLU A 349 -5.73 12.40 21.71
C GLU A 349 -5.23 11.02 22.16
N GLN A 350 -6.04 10.29 22.91
CA GLN A 350 -5.66 8.93 23.30
C GLN A 350 -5.71 7.89 22.19
N ASP A 351 -6.65 7.98 21.25
CA ASP A 351 -6.84 6.94 20.21
C ASP A 351 -7.30 7.61 18.89
N LYS A 352 -6.36 8.19 18.16
CA LYS A 352 -6.72 9.16 17.18
C LYS A 352 -7.18 8.52 15.87
N TYR A 353 -6.78 7.29 15.62
CA TYR A 353 -7.15 6.63 14.39
C TYR A 353 -8.58 6.09 14.47
N TYR A 354 -8.94 5.49 15.61
CA TYR A 354 -10.21 4.80 15.80
C TYR A 354 -11.33 5.72 16.32
N TYR A 355 -10.95 6.83 16.94
CA TYR A 355 -11.91 7.76 17.50
C TYR A 355 -12.88 8.29 16.45
N ARG A 356 -14.18 8.19 16.71
CA ARG A 356 -15.18 8.89 15.88
C ARG A 356 -15.67 10.11 16.58
N TYR A 357 -15.74 11.22 15.86
CA TYR A 357 -16.40 12.40 16.40
C TYR A 357 -17.89 12.02 16.57
N PRO A 358 -18.59 12.61 17.57
CA PRO A 358 -20.04 12.27 17.68
C PRO A 358 -20.84 12.78 16.46
N THR A 359 -21.56 11.84 15.84
CA THR A 359 -22.27 12.04 14.55
C THR A 359 -21.31 12.33 13.40
N GLY A 360 -20.07 11.91 13.54
CA GLY A 360 -19.05 12.17 12.55
C GLY A 360 -18.19 10.97 12.27
N GLU A 361 -16.94 11.23 11.88
CA GLU A 361 -16.07 10.18 11.34
C GLU A 361 -14.79 9.94 12.15
N SER A 362 -14.22 8.78 11.89
CA SER A 362 -12.87 8.46 12.32
C SER A 362 -11.95 8.35 11.09
N TYR A 363 -10.64 8.29 11.36
CA TYR A 363 -9.67 8.03 10.32
C TYR A 363 -9.96 6.69 9.70
N GLN A 364 -10.43 5.76 10.52
CA GLN A 364 -10.82 4.47 10.00
C GLN A 364 -11.93 4.59 8.95
N ASP A 365 -12.90 5.46 9.20
CA ASP A 365 -13.99 5.70 8.23
C ASP A 365 -13.44 6.31 6.96
N LEU A 366 -12.45 7.20 7.10
CA LEU A 366 -11.79 7.81 5.95
C LEU A 366 -11.22 6.79 4.99
N VAL A 367 -10.45 5.83 5.52
CA VAL A 367 -9.86 4.77 4.71
C VAL A 367 -10.94 4.08 3.88
N GLN A 368 -12.08 3.79 4.48
CA GLN A 368 -13.17 3.10 3.74
C GLN A 368 -13.64 3.90 2.59
N ARG A 369 -13.84 5.21 2.79
CA ARG A 369 -14.33 5.95 1.63
C ARG A 369 -13.23 6.41 0.73
N LEU A 370 -11.99 6.40 1.20
CA LEU A 370 -10.87 6.68 0.25
C LEU A 370 -10.43 5.46 -0.61
N GLU A 371 -10.84 4.27 -0.23
CA GLU A 371 -10.48 3.07 -0.99
C GLU A 371 -10.71 3.20 -2.51
N PRO A 372 -11.86 3.73 -2.93
CA PRO A 372 -11.99 3.80 -4.41
C PRO A 372 -11.13 4.91 -5.01
N VAL A 373 -10.71 5.86 -4.19
CA VAL A 373 -9.75 6.86 -4.67
C VAL A 373 -8.38 6.17 -4.94
N ILE A 374 -7.90 5.42 -3.98
CA ILE A 374 -6.67 4.61 -4.13
C ILE A 374 -6.71 3.70 -5.38
N MET A 375 -7.83 3.04 -5.61
CA MET A 375 -7.96 2.11 -6.71
C MET A 375 -7.92 2.87 -8.02
N GLU A 376 -8.54 4.05 -8.06
CA GLU A 376 -8.48 4.81 -9.29
C GLU A 376 -7.08 5.43 -9.46
N LEU A 377 -6.47 5.87 -8.36
CA LEU A 377 -5.08 6.33 -8.43
C LEU A 377 -4.19 5.26 -9.03
N GLU A 378 -4.37 4.01 -8.67
CA GLU A 378 -3.53 2.98 -9.24
C GLU A 378 -3.68 2.91 -10.73
N ARG A 379 -4.88 3.20 -11.25
CA ARG A 379 -5.12 3.01 -12.69
C ARG A 379 -4.49 4.18 -13.44
N GLN A 380 -4.43 5.33 -12.79
CA GLN A 380 -4.02 6.54 -13.49
C GLN A 380 -2.53 6.65 -13.68
N GLU A 381 -2.13 7.64 -14.44
CA GLU A 381 -0.74 7.97 -14.60
C GLU A 381 -0.46 9.24 -13.82
N ASN A 382 -0.33 10.39 -14.46
CA ASN A 382 0.03 11.59 -13.71
C ASN A 382 -1.20 12.17 -13.11
N VAL A 383 -1.19 12.36 -11.79
CA VAL A 383 -2.33 12.88 -11.07
C VAL A 383 -1.93 13.86 -10.00
N LEU A 384 -2.71 14.91 -9.87
CA LEU A 384 -2.58 15.87 -8.83
C LEU A 384 -3.85 15.82 -8.01
N VAL A 385 -3.71 15.59 -6.72
CA VAL A 385 -4.82 15.51 -5.83
C VAL A 385 -4.76 16.65 -4.83
N ILE A 386 -5.78 17.50 -4.84
CA ILE A 386 -5.86 18.61 -3.95
C ILE A 386 -6.94 18.33 -2.93
N CYS A 387 -6.58 18.21 -1.66
CA CYS A 387 -7.47 17.69 -0.67
C CYS A 387 -7.31 18.37 0.69
N HIS A 388 -7.44 17.65 1.79
CA HIS A 388 -7.47 18.24 3.10
C HIS A 388 -6.56 17.45 4.01
N GLN A 389 -6.30 18.00 5.16
CA GLN A 389 -5.29 17.45 6.03
C GLN A 389 -5.45 15.98 6.35
N ALA A 390 -6.58 15.60 6.93
CA ALA A 390 -6.75 14.22 7.38
C ALA A 390 -6.84 13.29 6.19
N VAL A 391 -7.45 13.74 5.10
CA VAL A 391 -7.54 12.93 3.89
C VAL A 391 -6.16 12.66 3.29
N LEU A 392 -5.37 13.71 3.25
CA LEU A 392 -4.00 13.65 2.74
C LEU A 392 -3.18 12.64 3.54
N ARG A 393 -3.32 12.66 4.85
CA ARG A 393 -2.56 11.72 5.66
C ARG A 393 -2.96 10.32 5.30
N CYS A 394 -4.27 10.08 5.12
CA CYS A 394 -4.72 8.73 4.83
CA CYS A 394 -4.75 8.74 4.84
C CYS A 394 -4.16 8.23 3.52
N LEU A 395 -4.12 9.07 2.50
CA LEU A 395 -3.59 8.66 1.22
C LEU A 395 -2.08 8.46 1.32
N LEU A 396 -1.43 9.38 2.02
CA LEU A 396 0.04 9.33 2.17
C LEU A 396 0.41 8.04 2.89
N ALA A 397 -0.34 7.67 3.92
CA ALA A 397 -0.06 6.45 4.63
C ALA A 397 -0.09 5.24 3.69
N TYR A 398 -1.03 5.21 2.76
CA TYR A 398 -1.08 4.13 1.83
C TYR A 398 0.19 4.06 1.02
N PHE A 399 0.58 5.18 0.43
CA PHE A 399 1.71 5.15 -0.47
C PHE A 399 3.02 4.88 0.28
N LEU A 400 3.12 5.32 1.52
CA LEU A 400 4.36 5.24 2.28
C LEU A 400 4.35 4.11 3.27
N ASP A 401 3.35 3.24 3.17
CA ASP A 401 3.26 2.06 4.02
C ASP A 401 3.36 2.45 5.49
N LYS A 402 2.56 3.42 5.93
CA LYS A 402 2.55 3.82 7.33
C LYS A 402 1.36 3.24 8.00
N SER A 403 1.54 2.94 9.27
CA SER A 403 0.55 2.19 10.00
C SER A 403 -0.62 3.10 10.44
N ALA A 404 -1.69 2.43 10.88
CA ALA A 404 -2.86 3.08 11.37
C ALA A 404 -2.52 3.98 12.57
N GLU A 405 -1.66 3.49 13.46
CA GLU A 405 -1.35 4.29 14.64
C GLU A 405 -0.59 5.59 14.27
N GLU A 406 0.24 5.52 13.22
CA GLU A 406 1.02 6.67 12.69
C GLU A 406 0.25 7.63 11.78
N MET A 407 -0.70 7.07 11.03
CA MET A 407 -1.37 7.82 9.95
C MET A 407 -1.86 9.19 10.42
N PRO A 408 -2.51 9.25 11.58
CA PRO A 408 -3.08 10.54 11.96
C PRO A 408 -2.07 11.63 12.32
N TYR A 409 -0.77 11.29 12.37
CA TYR A 409 0.23 12.29 12.77
C TYR A 409 1.22 12.58 11.67
N LEU A 410 1.03 12.01 10.46
CA LEU A 410 1.93 12.34 9.36
C LEU A 410 1.85 13.83 9.08
N LYS A 411 2.94 14.42 8.58
CA LYS A 411 2.99 15.88 8.46
C LYS A 411 2.70 16.24 7.06
N CYS A 412 1.69 17.08 6.84
CA CYS A 412 1.34 17.52 5.51
CA CYS A 412 1.38 17.54 5.48
C CYS A 412 1.05 19.03 5.57
N PRO A 413 2.11 19.87 5.57
CA PRO A 413 1.89 21.31 5.74
C PRO A 413 1.10 21.94 4.61
N LEU A 414 0.50 23.06 4.92
CA LEU A 414 -0.13 23.84 3.90
C LEU A 414 0.94 24.29 2.91
N HIS A 415 0.51 24.52 1.67
CA HIS A 415 1.28 25.21 0.64
C HIS A 415 2.51 24.45 0.24
N THR A 416 2.44 23.15 0.48
CA THR A 416 3.50 22.22 0.20
C THR A 416 2.99 21.02 -0.62
N VAL A 417 3.63 20.80 -1.77
CA VAL A 417 3.38 19.70 -2.65
C VAL A 417 4.22 18.49 -2.30
N LEU A 418 3.58 17.33 -2.27
CA LEU A 418 4.26 16.07 -1.99
C LEU A 418 4.26 15.32 -3.26
N LYS A 419 5.44 15.12 -3.79
CA LYS A 419 5.61 14.56 -5.10
C LYS A 419 6.08 13.12 -4.94
N LEU A 420 5.28 12.18 -5.46
CA LEU A 420 5.52 10.78 -5.21
C LEU A 420 5.82 10.13 -6.50
N THR A 421 6.86 9.30 -6.50
CA THR A 421 7.31 8.63 -7.68
C THR A 421 7.45 7.16 -7.36
N PRO A 422 6.53 6.32 -7.92
CA PRO A 422 6.71 4.91 -7.71
C PRO A 422 8.06 4.44 -8.22
N VAL A 423 8.72 3.69 -7.36
CA VAL A 423 9.96 3.03 -7.66
C VAL A 423 9.60 1.56 -7.43
N ALA A 424 10.49 0.63 -7.70
CA ALA A 424 10.17 -0.76 -7.41
C ALA A 424 10.33 -1.02 -5.90
N TYR A 425 9.27 -1.58 -5.31
CA TYR A 425 9.22 -1.98 -3.89
C TYR A 425 8.94 -0.80 -2.94
N GLY A 426 8.56 0.35 -3.49
CA GLY A 426 8.41 1.54 -2.68
C GLY A 426 8.03 2.79 -3.46
N CYS A 427 8.27 3.93 -2.82
CA CYS A 427 7.85 5.21 -3.32
C CYS A 427 8.79 6.32 -2.84
N ARG A 428 9.42 7.01 -3.78
CA ARG A 428 10.14 8.22 -3.46
C ARG A 428 9.13 9.32 -3.10
N VAL A 429 9.39 10.02 -2.01
CA VAL A 429 8.64 11.21 -1.69
C VAL A 429 9.57 12.43 -1.61
N GLU A 430 9.28 13.47 -2.39
CA GLU A 430 9.92 14.76 -2.28
C GLU A 430 8.90 15.82 -1.93
N SER A 431 9.27 16.65 -0.98
CA SER A 431 8.46 17.76 -0.57
C SER A 431 8.91 18.97 -1.35
N ILE A 432 7.95 19.77 -1.82
CA ILE A 432 8.26 21.01 -2.52
C ILE A 432 7.34 22.10 -1.98
N TYR A 433 7.88 22.89 -1.05
CA TYR A 433 7.19 24.02 -0.45
C TYR A 433 7.25 25.20 -1.42
N LEU A 434 6.10 25.83 -1.66
CA LEU A 434 5.98 26.81 -2.73
C LEU A 434 6.06 28.25 -2.19
N ASN A 435 6.73 28.40 -1.06
CA ASN A 435 7.15 29.72 -0.56
C ASN A 435 6.01 30.69 -0.45
N VAL A 436 4.90 30.25 0.16
CA VAL A 436 3.79 31.13 0.49
C VAL A 436 3.42 30.81 1.91
N GLU A 437 3.47 31.83 2.77
CA GLU A 437 3.24 31.65 4.17
C GLU A 437 1.80 31.20 4.40
N SER A 438 1.61 30.54 5.56
CA SER A 438 0.34 30.06 5.99
C SER A 438 0.41 29.91 7.49
N VAL A 439 -0.70 29.67 8.15
CA VAL A 439 -0.62 29.12 9.50
C VAL A 439 -0.19 27.62 9.44
N CYS A 440 0.05 27.02 10.61
CA CYS A 440 0.39 25.60 10.77
C CYS A 440 -0.79 24.95 11.46
N THR A 441 -1.27 23.83 10.91
CA THR A 441 -2.41 23.11 11.49
C THR A 441 -1.98 21.76 12.04
N HIS A 442 -0.65 21.55 12.11
CA HIS A 442 -0.12 20.31 12.63
C HIS A 442 -0.18 20.28 14.17
N ARG A 443 -0.62 19.14 14.71
CA ARG A 443 -0.78 18.95 16.15
C ARG A 443 -0.17 17.60 16.53
N GLU A 444 0.93 17.65 17.26
CA GLU A 444 1.75 16.45 17.51
C GLU A 444 1.11 15.61 18.58
N ARG A 445 1.58 14.36 18.69
CA ARG A 445 1.04 13.39 19.65
C ARG A 445 1.23 13.90 21.10
N SER A 446 0.23 13.62 21.95
CA SER A 446 0.12 14.25 23.26
C SER A 446 0.69 13.46 24.45
N GLU A 447 0.51 14.02 25.64
CA GLU A 447 0.75 13.37 26.94
C GLU A 447 1.76 12.23 26.88
#